data_5NIV
#
_entry.id   5NIV
#
_cell.length_a   139.203
_cell.length_b   45.193
_cell.length_c   83.278
_cell.angle_alpha   90.00
_cell.angle_beta   122.14
_cell.angle_gamma   90.00
#
_symmetry.space_group_name_H-M   'C 1 2 1'
#
loop_
_entity.id
_entity.type
_entity.pdbx_description
1 polymer 'Light chain of 5D3 Fab'
2 polymer 'Heavy chain of 5D3 Fab'
3 water water
#
loop_
_entity_poly.entity_id
_entity_poly.type
_entity_poly.pdbx_seq_one_letter_code
_entity_poly.pdbx_strand_id
1 'polypeptide(L)'
;IVLTQSPSSFSVSLGDRVTISCKASGYILNRLAWYQQKPGNAPRLLISGATSLETGFPSRFSGTGSGKDYTLSISSLQTE
DVGTYYCQQYWSTPWTFGGGTKLEIRRADAAPTVSIFPPSSEQLTSGGASVVCFLNNFYPKDINVKWKIDGSERQNGVLN
SWTDQDSKDSTYSMSSTLTLTKDEYERHNSYTCEATHKTSTSPIVKSFNRNE
;
A
2 'polypeptide(L)'
;QVQLQESGPGLVKPSQSLSLTCTVTGFSITSDYAWNWIRQFPGKKLEWMGYINFDGGTTYNPSLRGRISITRDTSKNQFF
LQLRSVTPEDTATYYCATFYGAKGTLDYWGQGTSVTVSSAKTTPPSVYPLAPVCGDTSGSSVTLGCLVKGYFPEPVTLTW
NSGSLSSGVHTFPAVLQSDLYTLSSSVTVTSSTWPSQSITCNVAHPASSTKVDKKIEPRGP
;
B
#
# COMPACT_ATOMS: atom_id res chain seq x y z
N ILE A 1 -10.00 -25.12 -7.72
CA ILE A 1 -10.80 -24.85 -6.52
C ILE A 1 -10.84 -23.35 -6.26
N VAL A 2 -12.03 -22.78 -6.13
CA VAL A 2 -12.17 -21.37 -5.86
C VAL A 2 -12.43 -21.18 -4.36
N LEU A 3 -11.75 -20.21 -3.78
CA LEU A 3 -11.88 -19.91 -2.37
C LEU A 3 -12.55 -18.55 -2.20
N THR A 4 -13.63 -18.50 -1.43
CA THR A 4 -14.42 -17.29 -1.25
C THR A 4 -14.42 -16.86 0.21
N GLN A 5 -14.04 -15.62 0.47
CA GLN A 5 -14.06 -15.08 1.82
C GLN A 5 -15.19 -14.09 1.96
N SER A 6 -15.89 -14.16 3.10
CA SER A 6 -16.92 -13.18 3.43
C SER A 6 -16.78 -12.72 4.87
N PRO A 7 -16.89 -11.38 5.08
CA PRO A 7 -16.83 -10.38 4.00
C PRO A 7 -15.42 -10.01 3.54
N SER A 8 -15.31 -8.90 2.81
CA SER A 8 -14.03 -8.37 2.38
C SER A 8 -13.43 -7.37 3.37
N SER A 9 -14.21 -6.93 4.35
CA SER A 9 -13.73 -5.91 5.27
C SER A 9 -14.49 -6.02 6.59
N PHE A 10 -13.77 -5.74 7.68
CA PHE A 10 -14.36 -5.77 9.02
C PHE A 10 -13.83 -4.60 9.83
N SER A 11 -14.71 -3.98 10.59
CA SER A 11 -14.36 -2.94 11.55
C SER A 11 -14.82 -3.41 12.91
N VAL A 12 -13.87 -3.63 13.83
CA VAL A 12 -14.16 -4.24 15.11
C VAL A 12 -13.49 -3.44 16.22
N SER A 13 -14.20 -3.24 17.33
CA SER A 13 -13.62 -2.55 18.47
C SER A 13 -12.56 -3.39 19.14
N LEU A 14 -11.58 -2.72 19.73
CA LEU A 14 -10.53 -3.40 20.48
C LEU A 14 -11.18 -4.30 21.55
N GLY A 15 -10.68 -5.52 21.66
CA GLY A 15 -11.19 -6.46 22.63
C GLY A 15 -12.38 -7.28 22.18
N ASP A 16 -12.95 -6.99 21.02
CA ASP A 16 -14.09 -7.74 20.53
C ASP A 16 -13.63 -8.90 19.64
N ARG A 17 -14.56 -9.79 19.36
CA ARG A 17 -14.28 -11.00 18.60
C ARG A 17 -14.45 -10.72 17.10
N VAL A 18 -13.57 -11.30 16.29
CA VAL A 18 -13.75 -11.24 14.85
C VAL A 18 -13.77 -12.66 14.28
N THR A 19 -14.59 -12.84 13.25
CA THR A 19 -14.85 -14.12 12.63
C THR A 19 -14.70 -13.93 11.13
N ILE A 20 -13.76 -14.64 10.51
CA ILE A 20 -13.51 -14.56 9.07
C ILE A 20 -13.80 -15.92 8.45
N SER A 21 -14.77 -15.96 7.53
CA SER A 21 -15.21 -17.18 6.90
C SER A 21 -14.48 -17.37 5.57
N CYS A 22 -14.21 -18.64 5.24
CA CYS A 22 -13.62 -19.01 3.97
C CYS A 22 -14.33 -20.28 3.49
N LYS A 23 -14.84 -20.24 2.26
CA LYS A 23 -15.54 -21.38 1.69
C LYS A 23 -14.83 -21.82 0.42
N ALA A 24 -14.55 -23.12 0.34
CA ALA A 24 -13.94 -23.74 -0.82
C ALA A 24 -15.01 -24.30 -1.74
N SER A 25 -14.74 -24.28 -3.05
CA SER A 25 -15.70 -24.80 -4.02
C SER A 25 -15.71 -26.32 -4.08
N GLY A 26 -14.72 -26.98 -3.47
CA GLY A 26 -14.71 -28.42 -3.35
C GLY A 26 -14.20 -28.81 -1.98
N TYR A 27 -14.37 -30.09 -1.66
CA TYR A 27 -13.86 -30.59 -0.40
C TYR A 27 -12.33 -30.61 -0.41
N ILE A 28 -11.72 -29.98 0.60
CA ILE A 28 -10.27 -29.81 0.61
C ILE A 28 -9.60 -30.51 1.80
N LEU A 29 -10.36 -31.27 2.59
CA LEU A 29 -9.79 -32.18 3.59
C LEU A 29 -8.81 -31.48 4.53
N ASN A 30 -9.17 -30.30 4.99
CA ASN A 30 -8.41 -29.52 5.97
C ASN A 30 -7.05 -29.03 5.45
N ARG A 31 -6.81 -29.12 4.14
CA ARG A 31 -5.58 -28.57 3.54
C ARG A 31 -5.82 -27.09 3.28
N LEU A 32 -5.90 -26.35 4.38
CA LEU A 32 -6.35 -24.97 4.37
C LEU A 32 -5.40 -24.17 5.26
N ALA A 33 -4.81 -23.13 4.69
CA ALA A 33 -3.93 -22.23 5.41
C ALA A 33 -4.58 -20.86 5.56
N TRP A 34 -4.21 -20.15 6.63
CA TRP A 34 -4.52 -18.74 6.78
C TRP A 34 -3.24 -17.95 6.87
N TYR A 35 -3.21 -16.78 6.23
CA TYR A 35 -2.08 -15.86 6.28
C TYR A 35 -2.55 -14.51 6.76
N GLN A 36 -1.70 -13.83 7.54
CA GLN A 36 -1.91 -12.44 7.91
C GLN A 36 -0.94 -11.58 7.11
N GLN A 37 -1.45 -10.51 6.50
CA GLN A 37 -0.60 -9.57 5.77
C GLN A 37 -0.77 -8.16 6.32
N LYS A 38 0.32 -7.57 6.78
CA LYS A 38 0.31 -6.16 7.13
C LYS A 38 0.85 -5.33 5.97
N PRO A 39 0.42 -4.07 5.84
CA PRO A 39 0.87 -3.26 4.70
C PRO A 39 2.39 -3.16 4.64
N GLY A 40 2.91 -3.27 3.42
CA GLY A 40 4.34 -3.24 3.18
C GLY A 40 5.06 -4.54 3.47
N ASN A 41 4.36 -5.58 3.87
CA ASN A 41 4.99 -6.84 4.24
C ASN A 41 4.38 -7.97 3.45
N ALA A 42 5.15 -9.06 3.33
CA ALA A 42 4.67 -10.29 2.75
C ALA A 42 3.61 -10.93 3.65
N PRO A 43 2.70 -11.73 3.08
CA PRO A 43 1.84 -12.57 3.93
C PRO A 43 2.68 -13.44 4.85
N ARG A 44 2.16 -13.65 6.04
CA ARG A 44 2.79 -14.45 7.08
C ARG A 44 1.86 -15.60 7.43
N LEU A 45 2.40 -16.82 7.42
CA LEU A 45 1.58 -18.00 7.74
C LEU A 45 1.11 -17.96 9.18
N LEU A 46 -0.19 -18.12 9.37
CA LEU A 46 -0.86 -18.02 10.67
C LEU A 46 -1.43 -19.35 11.13
N ILE A 47 -2.11 -20.07 10.23
CA ILE A 47 -2.72 -21.36 10.51
C ILE A 47 -2.35 -22.32 9.40
N SER A 48 -1.99 -23.54 9.76
CA SER A 48 -1.81 -24.61 8.78
C SER A 48 -2.77 -25.74 9.11
N GLY A 49 -3.15 -26.49 8.08
CA GLY A 49 -3.99 -27.66 8.31
C GLY A 49 -5.33 -27.34 8.97
N ALA A 50 -5.89 -26.18 8.63
CA ALA A 50 -7.18 -25.70 9.13
C ALA A 50 -7.16 -25.28 10.59
N THR A 51 -6.45 -26.02 11.45
CA THR A 51 -6.57 -25.81 12.89
C THR A 51 -5.26 -25.59 13.63
N SER A 52 -4.11 -25.74 12.98
CA SER A 52 -2.83 -25.67 13.68
C SER A 52 -2.28 -24.25 13.69
N LEU A 53 -2.15 -23.68 14.89
CA LEU A 53 -1.66 -22.31 15.05
C LEU A 53 -0.14 -22.27 14.89
N GLU A 54 0.35 -21.36 14.06
CA GLU A 54 1.79 -21.25 13.84
C GLU A 54 2.48 -20.58 15.00
N THR A 55 3.72 -21.00 15.25
CA THR A 55 4.59 -20.31 16.19
C THR A 55 4.68 -18.84 15.82
N GLY A 56 4.66 -17.98 16.83
CA GLY A 56 4.70 -16.55 16.62
C GLY A 56 3.36 -15.86 16.66
N PHE A 57 2.27 -16.63 16.72
CA PHE A 57 0.96 -16.04 16.90
C PHE A 57 0.33 -16.54 18.20
N PRO A 58 -0.42 -15.70 18.89
CA PRO A 58 -0.97 -16.07 20.20
C PRO A 58 -2.29 -16.82 20.04
N SER A 59 -2.71 -17.42 21.15
CA SER A 59 -3.90 -18.27 21.19
C SER A 59 -5.18 -17.49 21.01
N ARG A 60 -5.11 -16.16 20.92
CA ARG A 60 -6.28 -15.37 20.52
C ARG A 60 -6.75 -15.76 19.13
N PHE A 61 -5.85 -16.28 18.30
CA PHE A 61 -6.19 -16.74 16.96
C PHE A 61 -6.52 -18.22 16.98
N SER A 62 -7.60 -18.60 16.30
CA SER A 62 -7.93 -20.01 16.19
C SER A 62 -8.54 -20.29 14.83
N GLY A 63 -8.14 -21.40 14.23
CA GLY A 63 -8.72 -21.85 12.97
C GLY A 63 -9.59 -23.05 13.23
N THR A 64 -10.76 -23.08 12.59
CA THR A 64 -11.66 -24.22 12.64
C THR A 64 -12.17 -24.53 11.25
N GLY A 65 -12.75 -25.72 11.11
CA GLY A 65 -13.43 -26.04 9.88
C GLY A 65 -13.27 -27.46 9.40
N SER A 66 -14.01 -27.81 8.36
CA SER A 66 -13.91 -29.13 7.73
C SER A 66 -14.65 -29.06 6.42
N GLY A 67 -14.34 -30.01 5.54
CA GLY A 67 -15.03 -30.09 4.27
C GLY A 67 -14.74 -28.89 3.40
N LYS A 68 -15.76 -28.07 3.16
CA LYS A 68 -15.63 -26.85 2.37
C LYS A 68 -15.62 -25.58 3.20
N ASP A 69 -15.84 -25.67 4.51
CA ASP A 69 -16.19 -24.52 5.34
C ASP A 69 -15.15 -24.32 6.44
N TYR A 70 -14.49 -23.16 6.44
CA TYR A 70 -13.40 -22.88 7.36
C TYR A 70 -13.57 -21.48 7.95
N THR A 71 -13.06 -21.30 9.17
CA THR A 71 -13.17 -20.01 9.86
C THR A 71 -11.89 -19.69 10.60
N LEU A 72 -11.45 -18.44 10.51
CA LEU A 72 -10.42 -17.89 11.37
C LEU A 72 -11.10 -16.96 12.37
N SER A 73 -10.83 -17.18 13.66
CA SER A 73 -11.41 -16.37 14.71
C SER A 73 -10.31 -15.69 15.51
N ILE A 74 -10.56 -14.44 15.89
CA ILE A 74 -9.73 -13.72 16.83
C ILE A 74 -10.62 -13.41 18.03
N SER A 75 -10.25 -13.92 19.19
CA SER A 75 -11.17 -13.84 20.33
C SER A 75 -11.24 -12.46 20.93
N SER A 76 -10.15 -11.68 20.85
CA SER A 76 -10.09 -10.36 21.44
C SER A 76 -9.15 -9.52 20.58
N LEU A 77 -9.71 -8.63 19.77
CA LEU A 77 -8.92 -7.92 18.77
C LEU A 77 -7.95 -6.95 19.42
N GLN A 78 -6.71 -6.94 18.92
CA GLN A 78 -5.69 -6.00 19.39
C GLN A 78 -5.18 -5.19 18.21
N THR A 79 -4.54 -4.05 18.52
CA THR A 79 -4.14 -3.12 17.47
C THR A 79 -3.18 -3.75 16.47
N GLU A 80 -2.30 -4.64 16.93
CA GLU A 80 -1.34 -5.26 16.04
C GLU A 80 -1.98 -6.28 15.09
N ASP A 81 -3.26 -6.59 15.27
CA ASP A 81 -3.95 -7.51 14.38
C ASP A 81 -4.47 -6.85 13.11
N VAL A 82 -4.35 -5.52 12.99
CA VAL A 82 -4.78 -4.82 11.80
C VAL A 82 -4.01 -5.33 10.60
N GLY A 83 -4.74 -5.69 9.55
CA GLY A 83 -4.14 -6.20 8.33
C GLY A 83 -5.20 -6.92 7.51
N THR A 84 -4.73 -7.64 6.51
CA THR A 84 -5.62 -8.42 5.64
C THR A 84 -5.31 -9.90 5.80
N TYR A 85 -6.35 -10.70 5.93
CA TYR A 85 -6.22 -12.12 6.18
C TYR A 85 -6.69 -12.88 4.95
N TYR A 86 -5.91 -13.85 4.52
CA TYR A 86 -6.20 -14.67 3.36
C TYR A 86 -6.23 -16.14 3.74
N CYS A 87 -7.18 -16.86 3.19
CA CYS A 87 -7.13 -18.32 3.23
C CYS A 87 -6.53 -18.84 1.93
N GLN A 88 -6.04 -20.07 2.00
CA GLN A 88 -5.43 -20.68 0.82
C GLN A 88 -5.63 -22.18 0.92
N GLN A 89 -6.09 -22.80 -0.18
CA GLN A 89 -6.15 -24.26 -0.21
C GLN A 89 -4.88 -24.83 -0.83
N TYR A 90 -4.43 -25.96 -0.29
CA TYR A 90 -3.31 -26.70 -0.86
C TYR A 90 -3.67 -28.17 -1.06
N TRP A 91 -4.95 -28.42 -1.31
CA TRP A 91 -5.44 -29.75 -1.63
C TRP A 91 -5.08 -30.14 -3.05
N SER A 92 -5.22 -29.22 -3.99
CA SER A 92 -4.90 -29.54 -5.38
C SER A 92 -4.27 -28.32 -6.04
N THR A 93 -3.38 -28.59 -6.98
CA THR A 93 -2.81 -27.53 -7.80
C THR A 93 -3.80 -27.18 -8.91
N PRO A 94 -3.85 -25.90 -9.31
CA PRO A 94 -3.07 -24.81 -8.73
C PRO A 94 -3.59 -24.42 -7.36
N TRP A 95 -2.65 -24.12 -6.46
CA TRP A 95 -3.03 -23.59 -5.17
C TRP A 95 -3.70 -22.24 -5.37
N THR A 96 -4.73 -21.98 -4.56
CA THR A 96 -5.57 -20.81 -4.76
C THR A 96 -5.86 -20.15 -3.43
N PHE A 97 -5.97 -18.83 -3.48
CA PHE A 97 -6.21 -18.01 -2.31
C PHE A 97 -7.62 -17.42 -2.35
N GLY A 98 -8.17 -17.21 -1.18
CA GLY A 98 -9.34 -16.36 -1.07
C GLY A 98 -8.96 -14.91 -1.32
N GLY A 99 -9.99 -14.09 -1.49
CA GLY A 99 -9.78 -12.71 -1.90
C GLY A 99 -9.34 -11.78 -0.81
N GLY A 100 -9.29 -12.24 0.43
CA GLY A 100 -8.80 -11.44 1.52
C GLY A 100 -9.91 -10.76 2.31
N THR A 101 -9.66 -10.58 3.60
CA THR A 101 -10.55 -9.84 4.48
C THR A 101 -9.70 -8.83 5.22
N LYS A 102 -9.98 -7.55 5.02
CA LYS A 102 -9.23 -6.48 5.65
C LYS A 102 -9.88 -6.12 6.96
N LEU A 103 -9.08 -6.08 8.03
CA LEU A 103 -9.55 -5.85 9.38
C LEU A 103 -9.02 -4.50 9.85
N GLU A 104 -9.91 -3.66 10.36
CA GLU A 104 -9.54 -2.38 10.94
C GLU A 104 -10.20 -2.21 12.31
N ILE A 105 -9.62 -1.31 13.10
CA ILE A 105 -10.04 -1.09 14.48
C ILE A 105 -11.16 -0.06 14.49
N ARG A 106 -12.27 -0.38 15.15
CA ARG A 106 -13.34 0.58 15.38
C ARG A 106 -13.05 1.30 16.70
N ARG A 107 -12.53 2.52 16.61
CA ARG A 107 -12.21 3.35 17.77
C ARG A 107 -13.28 4.44 17.91
N ALA A 108 -13.14 5.26 18.96
CA ALA A 108 -14.08 6.35 19.15
C ALA A 108 -13.90 7.41 18.06
N ASP A 109 -14.94 8.22 17.88
CA ASP A 109 -14.87 9.25 16.86
C ASP A 109 -13.73 10.22 17.13
N ALA A 110 -13.19 10.79 16.05
CA ALA A 110 -12.13 11.80 16.11
C ALA A 110 -12.35 12.78 14.96
N ALA A 111 -12.26 14.04 15.27
CA ALA A 111 -12.52 15.10 14.31
C ALA A 111 -11.26 15.42 13.51
N PRO A 112 -11.42 15.70 12.21
CA PRO A 112 -10.24 16.01 11.39
C PRO A 112 -9.72 17.41 11.67
N THR A 113 -8.40 17.54 11.68
CA THR A 113 -7.73 18.84 11.68
C THR A 113 -7.43 19.17 10.22
N VAL A 114 -7.96 20.29 9.75
CA VAL A 114 -7.92 20.65 8.33
C VAL A 114 -6.92 21.78 8.12
N SER A 115 -6.10 21.65 7.08
CA SER A 115 -5.14 22.68 6.69
C SER A 115 -5.23 22.85 5.18
N ILE A 116 -5.16 24.09 4.70
CA ILE A 116 -5.20 24.38 3.27
C ILE A 116 -3.93 25.10 2.85
N PHE A 117 -3.48 24.80 1.63
CA PHE A 117 -2.24 25.35 1.11
C PHE A 117 -2.45 25.84 -0.32
N PRO A 118 -2.04 27.07 -0.63
CA PRO A 118 -2.13 27.53 -2.00
C PRO A 118 -1.05 26.89 -2.86
N PRO A 119 -1.19 26.94 -4.17
CA PRO A 119 -0.09 26.53 -5.04
C PRO A 119 1.15 27.34 -4.72
N SER A 120 2.30 26.68 -4.75
CA SER A 120 3.55 27.40 -4.57
C SER A 120 3.85 28.25 -5.79
N SER A 121 4.57 29.35 -5.57
CA SER A 121 5.07 30.13 -6.70
C SER A 121 5.88 29.25 -7.64
N GLU A 122 6.61 28.27 -7.10
CA GLU A 122 7.39 27.38 -7.94
C GLU A 122 6.51 26.60 -8.90
N GLN A 123 5.41 26.04 -8.40
CA GLN A 123 4.55 25.28 -9.32
C GLN A 123 3.91 26.20 -10.35
N LEU A 124 3.53 27.41 -9.94
CA LEU A 124 2.88 28.34 -10.87
C LEU A 124 3.78 28.66 -12.06
N THR A 125 5.10 28.74 -11.85
CA THR A 125 6.00 29.04 -12.96
C THR A 125 5.93 27.99 -14.04
N SER A 126 5.70 26.72 -13.67
CA SER A 126 5.56 25.65 -14.65
C SER A 126 4.20 25.63 -15.33
N GLY A 127 3.26 26.47 -14.91
CA GLY A 127 1.97 26.58 -15.57
C GLY A 127 0.85 25.80 -14.93
N GLY A 128 1.11 25.07 -13.83
CA GLY A 128 0.10 24.33 -13.13
C GLY A 128 -0.15 24.92 -11.75
N ALA A 129 -1.26 24.49 -11.15
CA ALA A 129 -1.62 24.96 -9.82
C ALA A 129 -2.35 23.84 -9.11
N SER A 130 -1.80 23.39 -7.98
CA SER A 130 -2.46 22.41 -7.13
C SER A 130 -2.75 23.08 -5.80
N VAL A 131 -4.02 23.10 -5.41
CA VAL A 131 -4.42 23.56 -4.10
C VAL A 131 -4.62 22.32 -3.24
N VAL A 132 -4.00 22.29 -2.08
CA VAL A 132 -3.93 21.08 -1.27
C VAL A 132 -4.63 21.31 0.05
N CYS A 133 -5.43 20.34 0.46
CA CYS A 133 -6.11 20.34 1.76
C CYS A 133 -5.72 19.04 2.45
N PHE A 134 -5.18 19.14 3.65
CA PHE A 134 -4.91 17.97 4.49
C PHE A 134 -6.00 17.89 5.55
N LEU A 135 -6.49 16.67 5.79
CA LEU A 135 -7.49 16.40 6.81
C LEU A 135 -6.91 15.30 7.67
N ASN A 136 -6.45 15.65 8.86
CA ASN A 136 -5.58 14.75 9.63
C ASN A 136 -6.25 14.22 10.89
N ASN A 137 -6.02 12.92 11.13
CA ASN A 137 -6.33 12.24 12.40
C ASN A 137 -7.83 12.23 12.72
N PHE A 138 -8.61 11.65 11.81
CA PHE A 138 -10.05 11.55 12.00
C PHE A 138 -10.50 10.09 12.01
N TYR A 139 -11.68 9.88 12.57
CA TYR A 139 -12.33 8.59 12.60
C TYR A 139 -13.83 8.84 12.80
N PRO A 140 -14.70 8.12 12.07
CA PRO A 140 -14.43 7.06 11.09
C PRO A 140 -13.90 7.60 9.76
N LYS A 141 -13.57 6.65 8.88
CA LYS A 141 -12.91 6.98 7.62
C LYS A 141 -13.82 7.77 6.69
N ASP A 142 -15.13 7.56 6.78
CA ASP A 142 -16.06 8.24 5.89
C ASP A 142 -16.01 9.74 6.13
N ILE A 143 -15.78 10.49 5.06
CA ILE A 143 -15.62 11.92 5.11
C ILE A 143 -15.84 12.44 3.70
N ASN A 144 -16.48 13.60 3.60
CA ASN A 144 -16.76 14.22 2.31
C ASN A 144 -16.10 15.57 2.26
N VAL A 145 -15.35 15.81 1.19
CA VAL A 145 -14.66 17.07 0.99
C VAL A 145 -15.27 17.74 -0.23
N LYS A 146 -15.58 19.02 -0.09
CA LYS A 146 -16.09 19.82 -1.19
C LYS A 146 -15.15 21.00 -1.38
N TRP A 147 -14.80 21.28 -2.62
CA TRP A 147 -13.99 22.43 -2.96
C TRP A 147 -14.90 23.52 -3.53
N LYS A 148 -14.67 24.75 -3.08
CA LYS A 148 -15.37 25.92 -3.62
C LYS A 148 -14.35 26.94 -4.08
N ILE A 149 -14.55 27.43 -5.30
CA ILE A 149 -13.71 28.46 -5.89
C ILE A 149 -14.62 29.66 -6.11
N ASP A 150 -14.29 30.78 -5.48
CA ASP A 150 -15.19 31.95 -5.50
C ASP A 150 -16.63 31.56 -5.19
N GLY A 151 -16.78 30.66 -4.22
CA GLY A 151 -18.08 30.26 -3.71
C GLY A 151 -18.78 29.18 -4.50
N SER A 152 -18.21 28.70 -5.60
CA SER A 152 -18.87 27.74 -6.48
C SER A 152 -18.15 26.40 -6.40
N GLU A 153 -18.91 25.34 -6.22
CA GLU A 153 -18.32 24.01 -6.05
C GLU A 153 -17.67 23.51 -7.32
N ARG A 154 -16.49 22.92 -7.19
CA ARG A 154 -15.73 22.34 -8.29
C ARG A 154 -15.44 20.88 -7.97
N GLN A 155 -15.78 19.98 -8.90
CA GLN A 155 -15.51 18.57 -8.71
C GLN A 155 -14.45 18.00 -9.64
N ASN A 156 -14.31 18.57 -10.83
CA ASN A 156 -13.28 18.09 -11.76
C ASN A 156 -11.90 18.48 -11.27
N GLY A 157 -10.95 17.56 -11.42
CA GLY A 157 -9.58 17.82 -11.02
C GLY A 157 -9.31 17.66 -9.54
N VAL A 158 -10.19 17.01 -8.80
CA VAL A 158 -9.98 16.75 -7.38
C VAL A 158 -9.55 15.30 -7.21
N LEU A 159 -8.46 15.09 -6.50
CA LEU A 159 -7.95 13.77 -6.18
C LEU A 159 -7.87 13.63 -4.67
N ASN A 160 -8.43 12.55 -4.13
CA ASN A 160 -8.44 12.31 -2.70
C ASN A 160 -7.67 11.03 -2.39
N SER A 161 -6.80 11.08 -1.38
CA SER A 161 -5.99 9.93 -0.99
C SER A 161 -5.98 9.76 0.53
N TRP A 162 -6.43 8.60 1.01
CA TRP A 162 -6.44 8.29 2.43
C TRP A 162 -5.21 7.46 2.79
N THR A 163 -4.67 7.73 3.97
CA THR A 163 -3.66 6.84 4.53
C THR A 163 -4.32 5.55 5.02
N ASP A 164 -3.49 4.53 5.25
CA ASP A 164 -3.95 3.37 6.01
C ASP A 164 -4.26 3.81 7.43
N GLN A 165 -5.03 2.98 8.13
CA GLN A 165 -5.32 3.28 9.53
C GLN A 165 -4.01 3.40 10.31
N ASP A 166 -3.88 4.48 11.09
CA ASP A 166 -2.63 4.73 11.80
C ASP A 166 -2.40 3.67 12.87
N SER A 167 -1.20 3.11 12.90
CA SER A 167 -0.92 2.02 13.83
C SER A 167 -0.89 2.48 15.29
N LYS A 168 -0.77 3.78 15.53
CA LYS A 168 -0.68 4.28 16.91
C LYS A 168 -2.04 4.69 17.46
N ASP A 169 -2.75 5.59 16.78
CA ASP A 169 -4.02 6.10 17.29
C ASP A 169 -5.23 5.60 16.54
N SER A 170 -5.05 4.76 15.52
CA SER A 170 -6.14 4.14 14.77
C SER A 170 -7.01 5.15 14.01
N THR A 171 -6.50 6.35 13.78
CA THR A 171 -7.21 7.32 12.95
C THR A 171 -6.76 7.19 11.50
N TYR A 172 -7.44 7.93 10.64
CA TYR A 172 -7.07 8.11 9.25
C TYR A 172 -6.67 9.55 9.02
N SER A 173 -5.94 9.76 7.94
CA SER A 173 -5.72 11.09 7.41
C SER A 173 -5.94 11.02 5.90
N MET A 174 -6.15 12.18 5.29
CA MET A 174 -6.35 12.19 3.86
C MET A 174 -5.92 13.52 3.29
N SER A 175 -5.49 13.48 2.04
CA SER A 175 -5.25 14.69 1.28
C SER A 175 -6.32 14.81 0.21
N SER A 176 -6.75 16.04 -0.03
CA SER A 176 -7.64 16.37 -1.15
C SER A 176 -6.94 17.47 -1.92
N THR A 177 -6.69 17.22 -3.20
CA THR A 177 -5.90 18.13 -4.02
C THR A 177 -6.71 18.54 -5.25
N LEU A 178 -6.85 19.85 -5.43
CA LEU A 178 -7.54 20.41 -6.59
C LEU A 178 -6.49 20.95 -7.56
N THR A 179 -6.44 20.39 -8.76
CA THR A 179 -5.43 20.82 -9.74
C THR A 179 -6.08 21.60 -10.87
N LEU A 180 -5.55 22.79 -11.13
CA LEU A 180 -6.03 23.74 -12.14
C LEU A 180 -4.85 24.23 -12.94
N THR A 181 -5.12 24.90 -14.07
CA THR A 181 -4.06 25.64 -14.71
C THR A 181 -3.79 26.94 -13.95
N LYS A 182 -2.61 27.51 -14.21
CA LYS A 182 -2.26 28.78 -13.60
C LYS A 182 -3.30 29.85 -13.90
N ASP A 183 -3.74 29.93 -15.17
CA ASP A 183 -4.69 30.97 -15.54
C ASP A 183 -6.05 30.74 -14.90
N GLU A 184 -6.49 29.48 -14.77
CA GLU A 184 -7.72 29.19 -14.05
C GLU A 184 -7.59 29.60 -12.59
N TYR A 185 -6.47 29.25 -11.97
CA TYR A 185 -6.24 29.60 -10.58
C TYR A 185 -6.21 31.11 -10.38
N GLU A 186 -5.50 31.83 -11.25
CA GLU A 186 -5.29 33.25 -11.03
C GLU A 186 -6.49 34.12 -11.42
N ARG A 187 -7.58 33.52 -11.90
CA ARG A 187 -8.77 34.26 -12.27
C ARG A 187 -9.78 34.33 -11.12
N HIS A 188 -9.54 33.63 -10.01
CA HIS A 188 -10.45 33.57 -8.89
C HIS A 188 -9.73 33.98 -7.61
N ASN A 189 -10.50 34.42 -6.62
CA ASN A 189 -9.95 34.94 -5.37
C ASN A 189 -9.93 33.93 -4.24
N SER A 190 -11.08 33.32 -3.93
CA SER A 190 -11.20 32.52 -2.72
C SER A 190 -11.20 31.04 -3.04
N TYR A 191 -10.47 30.28 -2.22
CA TYR A 191 -10.39 28.83 -2.37
C TYR A 191 -10.72 28.22 -1.02
N THR A 192 -11.70 27.31 -1.00
CA THR A 192 -12.17 26.74 0.25
C THR A 192 -12.26 25.24 0.12
N CYS A 193 -11.76 24.51 1.11
CA CYS A 193 -12.06 23.09 1.26
C CYS A 193 -12.95 22.90 2.47
N GLU A 194 -14.05 22.18 2.28
CA GLU A 194 -15.07 22.01 3.31
C GLU A 194 -15.24 20.53 3.57
N ALA A 195 -15.03 20.12 4.82
CA ALA A 195 -15.12 18.71 5.20
C ALA A 195 -16.41 18.48 5.97
N THR A 196 -17.17 17.46 5.55
CA THR A 196 -18.34 16.99 6.28
C THR A 196 -17.97 15.67 6.93
N HIS A 197 -18.09 15.62 8.26
CA HIS A 197 -17.72 14.45 9.03
C HIS A 197 -18.68 14.37 10.21
N LYS A 198 -18.92 13.16 10.70
CA LYS A 198 -19.95 13.01 11.72
C LYS A 198 -19.61 13.72 13.03
N THR A 199 -18.35 14.11 13.23
CA THR A 199 -17.93 14.81 14.44
C THR A 199 -18.38 16.27 14.48
N SER A 200 -18.98 16.79 13.42
CA SER A 200 -19.41 18.19 13.43
C SER A 200 -20.75 18.32 12.73
N THR A 201 -21.65 19.09 13.33
CA THR A 201 -22.95 19.30 12.70
C THR A 201 -22.85 20.23 11.50
N SER A 202 -21.82 21.07 11.45
CA SER A 202 -21.55 21.96 10.33
C SER A 202 -20.27 21.54 9.63
N PRO A 203 -20.09 21.93 8.37
CA PRO A 203 -18.85 21.60 7.67
C PRO A 203 -17.65 22.22 8.37
N ILE A 204 -16.54 21.49 8.34
CA ILE A 204 -15.26 21.98 8.83
C ILE A 204 -14.53 22.61 7.66
N VAL A 205 -14.34 23.93 7.72
CA VAL A 205 -13.94 24.75 6.57
C VAL A 205 -12.54 25.28 6.80
N LYS A 206 -11.75 25.33 5.73
CA LYS A 206 -10.53 26.13 5.68
C LYS A 206 -10.46 26.81 4.32
N SER A 207 -9.99 28.06 4.31
CA SER A 207 -10.05 28.87 3.11
C SER A 207 -8.84 29.79 3.06
N PHE A 208 -8.53 30.25 1.86
CA PHE A 208 -7.64 31.40 1.72
C PHE A 208 -8.14 32.28 0.59
N ASN A 209 -7.69 33.53 0.64
CA ASN A 209 -8.05 34.54 -0.34
C ASN A 209 -6.76 35.06 -0.97
N ARG A 210 -6.70 35.01 -2.29
CA ARG A 210 -5.49 35.44 -2.98
C ARG A 210 -5.21 36.92 -2.76
N ASN A 211 -6.24 37.74 -2.54
CA ASN A 211 -6.05 39.17 -2.33
C ASN A 211 -5.72 39.51 -0.89
N GLU A 212 -5.58 38.50 -0.02
CA GLU A 212 -5.30 38.65 1.41
C GLU A 212 -5.79 39.93 2.08
N VAL B 2 15.38 -20.61 4.32
CA VAL B 2 15.16 -19.88 5.57
C VAL B 2 14.98 -18.38 5.32
N GLN B 3 15.90 -17.76 4.59
CA GLN B 3 15.79 -16.36 4.20
C GLN B 3 15.76 -16.26 2.68
N LEU B 4 14.80 -15.49 2.16
CA LEU B 4 14.63 -15.33 0.72
C LEU B 4 14.58 -13.85 0.38
N GLN B 5 15.14 -13.51 -0.78
CA GLN B 5 15.22 -12.11 -1.20
C GLN B 5 15.05 -12.03 -2.70
N GLU B 6 13.96 -11.39 -3.13
CA GLU B 6 13.68 -11.17 -4.54
C GLU B 6 14.46 -9.98 -5.05
N SER B 7 14.80 -10.01 -6.33
CA SER B 7 15.46 -8.89 -6.98
C SER B 7 15.14 -8.92 -8.47
N GLY B 8 15.30 -7.77 -9.11
CA GLY B 8 15.11 -7.67 -10.54
C GLY B 8 14.53 -6.33 -10.91
N PRO B 9 14.31 -6.11 -12.19
CA PRO B 9 13.82 -4.79 -12.64
C PRO B 9 12.43 -4.49 -12.12
N GLY B 10 12.23 -3.26 -11.66
CA GLY B 10 10.95 -2.76 -11.19
C GLY B 10 10.03 -2.23 -12.27
N LEU B 11 10.54 -2.02 -13.48
CA LEU B 11 9.76 -1.49 -14.59
C LEU B 11 10.13 -2.28 -15.85
N VAL B 12 9.11 -2.85 -16.50
CA VAL B 12 9.26 -3.65 -17.72
C VAL B 12 8.23 -3.16 -18.72
N LYS B 13 8.63 -3.11 -20.00
CA LYS B 13 7.67 -2.66 -21.01
C LYS B 13 6.78 -3.79 -21.49
N PRO B 14 5.53 -3.49 -21.84
CA PRO B 14 4.66 -4.52 -22.42
C PRO B 14 5.31 -5.17 -23.63
N SER B 15 5.05 -6.45 -23.79
CA SER B 15 5.53 -7.37 -24.82
C SER B 15 6.90 -7.95 -24.51
N GLN B 16 7.62 -7.44 -23.51
CA GLN B 16 8.93 -7.96 -23.15
C GLN B 16 8.78 -9.09 -22.13
N SER B 17 9.90 -9.69 -21.76
CA SER B 17 9.92 -10.69 -20.71
C SER B 17 10.24 -10.05 -19.36
N LEU B 18 9.56 -10.52 -18.32
CA LEU B 18 9.86 -10.15 -16.95
C LEU B 18 10.76 -11.23 -16.36
N SER B 19 11.89 -10.82 -15.75
CA SER B 19 12.80 -11.76 -15.14
C SER B 19 13.11 -11.33 -13.72
N LEU B 20 12.98 -12.25 -12.78
CA LEU B 20 13.26 -11.98 -11.37
C LEU B 20 14.14 -13.08 -10.82
N THR B 21 14.87 -12.73 -9.77
CA THR B 21 15.76 -13.65 -9.07
C THR B 21 15.35 -13.72 -7.61
N CYS B 22 15.39 -14.92 -7.05
CA CYS B 22 15.27 -15.12 -5.61
C CYS B 22 16.58 -15.69 -5.12
N THR B 23 17.22 -14.98 -4.18
CA THR B 23 18.48 -15.41 -3.59
C THR B 23 18.15 -15.97 -2.21
N VAL B 24 18.53 -17.23 -1.98
CA VAL B 24 18.16 -17.96 -0.77
C VAL B 24 19.40 -18.10 0.11
N THR B 25 19.26 -17.81 1.39
CA THR B 25 20.32 -18.04 2.35
C THR B 25 19.79 -18.87 3.53
N GLY B 26 20.71 -19.58 4.19
CA GLY B 26 20.38 -20.35 5.37
C GLY B 26 19.83 -21.73 5.10
N PHE B 27 19.72 -22.13 3.84
CA PHE B 27 19.13 -23.41 3.48
C PHE B 27 19.43 -23.62 2.01
N SER B 28 19.76 -24.85 1.65
CA SER B 28 20.11 -25.19 0.28
C SER B 28 18.87 -25.54 -0.51
N ILE B 29 18.73 -24.95 -1.70
CA ILE B 29 17.53 -25.22 -2.50
C ILE B 29 17.51 -26.60 -3.09
N THR B 30 18.60 -27.38 -2.95
CA THR B 30 18.59 -28.77 -3.38
C THR B 30 18.34 -29.73 -2.23
N SER B 31 18.24 -29.23 -1.00
CA SER B 31 18.14 -30.15 0.13
C SER B 31 16.72 -30.55 0.44
N ASP B 32 15.76 -29.63 0.27
CA ASP B 32 14.37 -29.91 0.55
C ASP B 32 13.55 -28.74 0.02
N TYR B 33 12.23 -28.89 0.12
CA TYR B 33 11.25 -27.85 -0.20
C TYR B 33 11.02 -27.66 -1.69
N ALA B 34 9.85 -27.11 -2.01
CA ALA B 34 9.63 -26.51 -3.31
C ALA B 34 9.75 -25.00 -3.18
N TRP B 35 10.17 -24.36 -4.28
CA TRP B 35 10.59 -22.98 -4.27
C TRP B 35 9.68 -22.25 -5.25
N ASN B 36 8.82 -21.38 -4.72
CA ASN B 36 7.62 -20.92 -5.40
C ASN B 36 7.74 -19.44 -5.75
N TRP B 37 7.00 -19.05 -6.79
CA TRP B 37 6.72 -17.65 -7.08
C TRP B 37 5.22 -17.41 -6.90
N ILE B 38 4.89 -16.35 -6.18
CA ILE B 38 3.52 -15.92 -5.93
C ILE B 38 3.48 -14.44 -6.24
N ARG B 39 2.37 -13.96 -6.78
CA ARG B 39 2.27 -12.53 -7.05
C ARG B 39 0.99 -11.95 -6.46
N GLN B 40 1.06 -10.68 -6.10
CA GLN B 40 -0.08 -9.95 -5.54
C GLN B 40 -0.37 -8.74 -6.42
N PHE B 41 -1.58 -8.68 -6.96
CA PHE B 41 -1.97 -7.64 -7.88
C PHE B 41 -2.28 -6.34 -7.13
N PRO B 42 -2.39 -5.22 -7.86
CA PRO B 42 -2.67 -3.95 -7.17
C PRO B 42 -3.92 -3.97 -6.31
N GLY B 43 -4.94 -4.69 -6.75
CA GLY B 43 -6.16 -4.87 -6.00
C GLY B 43 -6.07 -5.84 -4.84
N LYS B 44 -4.88 -6.41 -4.63
CA LYS B 44 -4.45 -7.22 -3.49
C LYS B 44 -4.79 -8.70 -3.59
N LYS B 45 -5.36 -9.18 -4.70
CA LYS B 45 -5.54 -10.62 -4.85
C LYS B 45 -4.18 -11.29 -5.06
N LEU B 46 -4.07 -12.51 -4.57
CA LEU B 46 -2.86 -13.32 -4.63
C LEU B 46 -3.03 -14.44 -5.66
N GLU B 47 -1.94 -14.72 -6.40
CA GLU B 47 -1.93 -15.80 -7.39
C GLU B 47 -0.64 -16.60 -7.24
N TRP B 48 -0.78 -17.91 -7.03
CA TRP B 48 0.38 -18.80 -7.03
C TRP B 48 0.76 -19.05 -8.49
N MET B 49 2.04 -18.85 -8.82
CA MET B 49 2.48 -18.96 -10.20
C MET B 49 3.10 -20.31 -10.54
N GLY B 50 3.82 -20.92 -9.61
CA GLY B 50 4.52 -22.17 -9.90
C GLY B 50 5.66 -22.35 -8.93
N TYR B 51 6.31 -23.52 -9.04
CA TYR B 51 7.49 -23.78 -8.23
C TYR B 51 8.51 -24.58 -9.00
N ILE B 52 9.74 -24.54 -8.50
CA ILE B 52 10.78 -25.52 -8.85
C ILE B 52 11.09 -26.31 -7.59
N ASN B 53 11.01 -27.63 -7.71
CA ASN B 53 11.21 -28.48 -6.55
C ASN B 53 12.70 -28.62 -6.25
N PHE B 54 13.02 -29.16 -5.06
CA PHE B 54 14.42 -29.34 -4.70
C PHE B 54 15.16 -30.25 -5.67
N ASP B 55 14.46 -31.09 -6.42
CA ASP B 55 15.10 -31.96 -7.41
C ASP B 55 15.11 -31.37 -8.81
N GLY B 56 14.66 -30.13 -8.98
CA GLY B 56 14.68 -29.48 -10.27
C GLY B 56 13.41 -29.61 -11.09
N GLY B 57 12.46 -30.43 -10.67
CA GLY B 57 11.20 -30.52 -11.37
C GLY B 57 10.35 -29.28 -11.17
N THR B 58 9.52 -28.97 -12.16
CA THR B 58 8.71 -27.75 -12.07
C THR B 58 7.24 -28.08 -12.23
N THR B 59 6.40 -27.20 -11.67
CA THR B 59 4.95 -27.23 -11.85
C THR B 59 4.49 -25.78 -11.94
N TYR B 60 3.56 -25.49 -12.86
CA TYR B 60 3.13 -24.13 -13.15
C TYR B 60 1.61 -24.04 -13.06
N ASN B 61 1.12 -22.87 -12.70
CA ASN B 61 -0.32 -22.60 -12.77
C ASN B 61 -0.74 -22.62 -14.23
N PRO B 62 -1.78 -23.38 -14.58
CA PRO B 62 -2.27 -23.35 -15.98
C PRO B 62 -2.67 -21.97 -16.47
N SER B 63 -2.99 -21.04 -15.56
CA SER B 63 -3.29 -19.66 -15.97
C SER B 63 -2.13 -19.00 -16.70
N LEU B 64 -0.91 -19.49 -16.52
CA LEU B 64 0.29 -18.94 -17.13
C LEU B 64 0.87 -19.85 -18.20
N ARG B 65 0.07 -20.80 -18.71
CA ARG B 65 0.53 -21.84 -19.62
C ARG B 65 1.28 -21.25 -20.81
N GLY B 66 2.47 -21.79 -21.04
CA GLY B 66 3.31 -21.36 -22.14
C GLY B 66 4.05 -20.08 -21.91
N ARG B 67 3.72 -19.34 -20.84
CA ARG B 67 4.32 -18.03 -20.60
C ARG B 67 5.38 -18.02 -19.50
N ILE B 68 5.42 -19.02 -18.64
CA ILE B 68 6.27 -18.99 -17.46
C ILE B 68 7.37 -20.03 -17.56
N SER B 69 8.57 -19.68 -17.10
CA SER B 69 9.63 -20.66 -16.84
C SER B 69 10.23 -20.35 -15.48
N ILE B 70 10.42 -21.38 -14.67
CA ILE B 70 11.13 -21.27 -13.40
C ILE B 70 12.36 -22.13 -13.49
N THR B 71 13.52 -21.54 -13.21
CA THR B 71 14.81 -22.21 -13.34
C THR B 71 15.62 -21.92 -12.09
N ARG B 72 16.81 -22.52 -12.00
CA ARG B 72 17.61 -22.32 -10.80
C ARG B 72 19.09 -22.38 -11.15
N ASP B 73 19.90 -21.85 -10.23
CA ASP B 73 21.36 -21.96 -10.29
C ASP B 73 21.80 -22.51 -8.94
N THR B 74 22.04 -23.81 -8.86
CA THR B 74 22.38 -24.41 -7.58
C THR B 74 23.74 -23.94 -7.07
N SER B 75 24.64 -23.51 -7.98
CA SER B 75 25.95 -23.02 -7.54
C SER B 75 25.83 -21.73 -6.74
N LYS B 76 24.77 -20.94 -6.97
CA LYS B 76 24.58 -19.68 -6.27
C LYS B 76 23.39 -19.72 -5.32
N ASN B 77 22.72 -20.87 -5.18
CA ASN B 77 21.53 -20.99 -4.33
C ASN B 77 20.47 -19.94 -4.72
N GLN B 78 20.26 -19.80 -6.02
CA GLN B 78 19.28 -18.86 -6.57
C GLN B 78 18.29 -19.60 -7.45
N PHE B 79 17.06 -19.08 -7.49
CA PHE B 79 16.08 -19.55 -8.47
C PHE B 79 15.42 -18.34 -9.12
N PHE B 80 14.83 -18.56 -10.28
CA PHE B 80 14.52 -17.49 -11.20
C PHE B 80 13.11 -17.64 -11.75
N LEU B 81 12.51 -16.49 -12.06
CA LEU B 81 11.23 -16.43 -12.74
C LEU B 81 11.42 -15.74 -14.08
N GLN B 82 10.90 -16.34 -15.13
CA GLN B 82 10.74 -15.68 -16.42
C GLN B 82 9.26 -15.72 -16.80
N LEU B 83 8.71 -14.55 -17.08
CA LEU B 83 7.32 -14.43 -17.52
C LEU B 83 7.33 -13.69 -18.83
N ARG B 84 6.87 -14.35 -19.88
CA ARG B 84 7.04 -13.83 -21.24
C ARG B 84 5.87 -12.97 -21.67
N SER B 85 6.15 -12.07 -22.62
CA SER B 85 5.11 -11.28 -23.30
C SER B 85 4.20 -10.57 -22.31
N VAL B 86 4.81 -9.87 -21.35
CA VAL B 86 4.01 -9.29 -20.28
C VAL B 86 3.10 -8.19 -20.81
N THR B 87 1.99 -7.97 -20.10
CA THR B 87 1.07 -6.88 -20.37
C THR B 87 0.89 -6.12 -19.08
N PRO B 88 0.24 -4.96 -19.10
CA PRO B 88 0.04 -4.22 -17.85
C PRO B 88 -0.68 -5.02 -16.76
N GLU B 89 -1.41 -6.07 -17.12
CA GLU B 89 -2.07 -6.90 -16.13
C GLU B 89 -1.09 -7.76 -15.33
N ASP B 90 0.18 -7.79 -15.73
CA ASP B 90 1.20 -8.47 -14.95
C ASP B 90 1.86 -7.56 -13.91
N THR B 91 1.42 -6.31 -13.81
CA THR B 91 1.88 -5.43 -12.74
C THR B 91 1.45 -6.02 -11.40
N ALA B 92 2.42 -6.21 -10.50
CA ALA B 92 2.16 -6.92 -9.26
C ALA B 92 3.40 -6.85 -8.40
N THR B 93 3.24 -7.21 -7.12
CA THR B 93 4.36 -7.49 -6.26
C THR B 93 4.63 -8.98 -6.32
N TYR B 94 5.88 -9.35 -6.63
CA TYR B 94 6.25 -10.74 -6.82
C TYR B 94 7.01 -11.22 -5.59
N TYR B 95 6.60 -12.37 -5.05
CA TYR B 95 7.19 -12.96 -3.87
C TYR B 95 7.74 -14.34 -4.19
N CYS B 96 8.87 -14.68 -3.59
CA CYS B 96 9.27 -16.08 -3.54
C CYS B 96 8.97 -16.66 -2.17
N ALA B 97 8.68 -17.97 -2.13
CA ALA B 97 8.27 -18.59 -0.88
C ALA B 97 8.53 -20.09 -0.95
N THR B 98 8.61 -20.72 0.23
CA THR B 98 8.89 -22.15 0.33
C THR B 98 7.66 -22.97 0.68
N PHE B 99 7.69 -24.23 0.26
CA PHE B 99 6.66 -25.23 0.55
C PHE B 99 7.36 -26.51 0.96
N TYR B 100 6.86 -27.18 2.00
CA TYR B 100 7.37 -28.49 2.42
C TYR B 100 6.26 -29.51 2.20
N GLY B 101 6.56 -30.55 1.41
CA GLY B 101 5.53 -31.51 1.02
C GLY B 101 4.76 -32.09 2.19
N ALA B 102 5.45 -32.39 3.29
CA ALA B 102 4.80 -33.04 4.42
C ALA B 102 3.93 -32.11 5.24
N LYS B 103 4.04 -30.79 5.05
CA LYS B 103 3.18 -29.82 5.72
C LYS B 103 2.19 -29.20 4.73
N GLY B 104 2.68 -28.54 3.69
CA GLY B 104 1.85 -28.14 2.57
C GLY B 104 1.65 -26.65 2.42
N THR B 105 2.06 -25.84 3.39
CA THR B 105 1.80 -24.41 3.39
C THR B 105 3.02 -23.65 2.85
N LEU B 106 2.82 -22.36 2.62
CA LEU B 106 3.89 -21.47 2.18
C LEU B 106 4.52 -20.87 3.45
N ASP B 107 5.63 -21.47 3.89
CA ASP B 107 6.14 -21.21 5.23
C ASP B 107 6.97 -19.95 5.30
N TYR B 108 7.95 -19.82 4.42
CA TYR B 108 8.92 -18.73 4.46
C TYR B 108 8.79 -17.93 3.18
N TRP B 109 8.76 -16.60 3.31
CA TRP B 109 8.52 -15.70 2.20
C TRP B 109 9.63 -14.66 2.12
N GLY B 110 9.91 -14.21 0.89
CA GLY B 110 10.72 -13.04 0.70
C GLY B 110 9.94 -11.78 1.01
N GLN B 111 10.63 -10.64 0.89
CA GLN B 111 10.02 -9.35 1.16
C GLN B 111 9.17 -8.84 0.00
N GLY B 112 9.31 -9.44 -1.18
CA GLY B 112 8.56 -9.01 -2.35
C GLY B 112 9.27 -7.92 -3.12
N THR B 113 9.09 -7.96 -4.44
CA THR B 113 9.58 -6.90 -5.32
C THR B 113 8.44 -6.45 -6.23
N SER B 114 8.23 -5.14 -6.27
CA SER B 114 7.17 -4.55 -7.08
C SER B 114 7.65 -4.42 -8.53
N VAL B 115 6.85 -4.94 -9.46
CA VAL B 115 7.13 -4.79 -10.88
C VAL B 115 5.96 -4.05 -11.51
N THR B 116 6.27 -3.00 -12.25
CA THR B 116 5.26 -2.26 -13.00
C THR B 116 5.49 -2.59 -14.47
N VAL B 117 4.43 -2.99 -15.16
CA VAL B 117 4.51 -3.24 -16.59
C VAL B 117 3.84 -2.07 -17.28
N SER B 118 4.65 -1.21 -17.90
CA SER B 118 4.15 0.01 -18.48
C SER B 118 5.14 0.51 -19.52
N SER B 119 4.63 1.26 -20.51
CA SER B 119 5.47 1.92 -21.50
C SER B 119 5.90 3.31 -21.06
N ALA B 120 5.40 3.79 -19.92
CA ALA B 120 5.79 5.10 -19.42
C ALA B 120 7.25 5.12 -19.00
N LYS B 121 7.88 6.28 -19.17
CA LYS B 121 9.30 6.43 -18.92
C LYS B 121 9.57 6.78 -17.47
N THR B 122 10.69 6.27 -16.95
CA THR B 122 11.15 6.65 -15.62
C THR B 122 11.39 8.16 -15.59
N THR B 123 10.78 8.83 -14.60
CA THR B 123 10.78 10.29 -14.54
C THR B 123 10.93 10.64 -13.05
N PRO B 124 11.89 11.48 -12.69
CA PRO B 124 12.02 11.88 -11.29
C PRO B 124 10.99 12.93 -10.92
N PRO B 125 10.67 13.07 -9.64
CA PRO B 125 9.60 13.98 -9.22
C PRO B 125 10.06 15.43 -9.15
N SER B 126 9.11 16.32 -9.41
CA SER B 126 9.24 17.71 -8.99
C SER B 126 8.76 17.81 -7.55
N VAL B 127 9.41 18.65 -6.75
CA VAL B 127 9.09 18.79 -5.34
C VAL B 127 8.71 20.24 -5.08
N TYR B 128 7.47 20.45 -4.65
CA TYR B 128 6.98 21.79 -4.40
C TYR B 128 6.64 21.95 -2.93
N PRO B 129 6.87 23.14 -2.38
CA PRO B 129 6.59 23.36 -0.95
C PRO B 129 5.11 23.61 -0.69
N LEU B 130 4.64 23.11 0.46
CA LEU B 130 3.30 23.41 0.96
C LEU B 130 3.48 24.20 2.26
N ALA B 131 3.29 25.52 2.17
CA ALA B 131 3.37 26.36 3.34
C ALA B 131 2.09 27.17 3.46
N PRO B 132 1.69 27.53 4.67
CA PRO B 132 0.46 28.33 4.84
C PRO B 132 0.61 29.69 4.19
N VAL B 133 -0.43 30.10 3.47
CA VAL B 133 -0.52 31.49 3.04
C VAL B 133 -0.98 32.36 4.18
N CYS B 134 -1.62 31.75 5.19
CA CYS B 134 -2.39 32.33 6.29
C CYS B 134 -2.81 33.80 6.20
N GLY B 135 -2.05 34.62 5.49
CA GLY B 135 -2.46 35.99 5.23
C GLY B 135 -3.35 36.05 4.00
N SER B 141 0.63 24.78 17.00
CA SER B 141 1.14 23.91 15.95
C SER B 141 0.99 24.53 14.56
N VAL B 142 1.86 24.15 13.64
CA VAL B 142 1.74 24.52 12.24
C VAL B 142 2.00 23.27 11.40
N THR B 143 1.18 23.08 10.37
CA THR B 143 1.34 21.97 9.46
C THR B 143 1.96 22.47 8.16
N LEU B 144 2.99 21.76 7.70
CA LEU B 144 3.68 22.03 6.46
C LEU B 144 3.62 20.78 5.60
N GLY B 145 4.03 20.91 4.35
CA GLY B 145 4.03 19.71 3.55
C GLY B 145 4.93 19.86 2.34
N CYS B 146 5.07 18.75 1.62
CA CYS B 146 5.73 18.77 0.33
C CYS B 146 4.87 18.02 -0.66
N LEU B 147 4.74 18.59 -1.85
CA LEU B 147 3.97 18.02 -2.93
C LEU B 147 4.96 17.44 -3.93
N VAL B 148 4.84 16.14 -4.20
CA VAL B 148 5.81 15.39 -4.98
C VAL B 148 5.08 14.91 -6.21
N LYS B 149 5.40 15.49 -7.36
CA LYS B 149 4.54 15.44 -8.52
C LYS B 149 5.33 15.04 -9.76
N GLY B 150 4.70 14.27 -10.64
CA GLY B 150 5.26 14.04 -11.96
C GLY B 150 6.27 12.93 -12.07
N TYR B 151 6.21 11.93 -11.20
CA TYR B 151 7.23 10.89 -11.19
C TYR B 151 6.68 9.54 -11.66
N PHE B 152 7.61 8.68 -12.05
CA PHE B 152 7.27 7.33 -12.50
C PHE B 152 8.52 6.47 -12.49
N PRO B 153 8.43 5.19 -12.09
CA PRO B 153 7.28 4.52 -11.47
C PRO B 153 7.25 4.84 -10.00
N GLU B 154 6.39 4.15 -9.25
CA GLU B 154 6.45 4.23 -7.79
C GLU B 154 7.71 3.50 -7.29
N PRO B 155 8.04 3.66 -6.00
CA PRO B 155 7.64 4.75 -5.10
C PRO B 155 8.68 5.81 -4.78
N VAL B 156 8.25 6.71 -3.89
CA VAL B 156 9.14 7.73 -3.33
C VAL B 156 9.05 7.61 -1.81
N THR B 157 10.05 8.16 -1.15
CA THR B 157 10.05 8.29 0.30
C THR B 157 10.35 9.73 0.64
N LEU B 158 9.61 10.28 1.57
CA LEU B 158 9.80 11.65 2.02
C LEU B 158 10.27 11.63 3.46
N THR B 159 11.41 12.24 3.71
CA THR B 159 12.03 12.29 5.01
C THR B 159 12.07 13.77 5.42
N TRP B 160 11.61 14.07 6.64
CA TRP B 160 11.57 15.45 7.11
C TRP B 160 12.74 15.70 8.06
N ASN B 161 13.47 16.79 7.83
CA ASN B 161 14.68 17.11 8.58
C ASN B 161 15.61 15.90 8.72
N SER B 162 15.86 15.21 7.60
CA SER B 162 16.75 14.05 7.59
C SER B 162 16.29 12.95 8.55
N GLY B 163 14.97 12.89 8.77
CA GLY B 163 14.37 11.84 9.56
C GLY B 163 14.28 12.16 11.03
N SER B 164 15.07 13.11 11.51
CA SER B 164 15.00 13.56 12.89
C SER B 164 13.56 13.83 13.30
N LEU B 165 12.87 14.71 12.57
CA LEU B 165 11.44 14.94 12.80
C LEU B 165 10.64 13.66 12.63
N SER B 166 10.21 13.06 13.73
CA SER B 166 9.50 11.79 13.71
C SER B 166 8.00 11.97 13.92
N SER B 167 7.61 12.63 15.01
CA SER B 167 6.20 12.69 15.39
C SER B 167 5.43 13.62 14.45
N GLY B 168 4.25 13.19 14.06
CA GLY B 168 3.37 14.01 13.26
C GLY B 168 3.76 14.14 11.80
N VAL B 169 4.18 13.04 11.18
CA VAL B 169 4.38 12.98 9.74
C VAL B 169 3.30 12.09 9.14
N HIS B 170 2.70 12.53 8.05
CA HIS B 170 1.78 11.69 7.28
C HIS B 170 2.26 11.60 5.84
N THR B 171 2.19 10.40 5.28
CA THR B 171 2.56 10.15 3.90
C THR B 171 1.31 9.70 3.16
N PHE B 172 0.91 10.47 2.13
CA PHE B 172 -0.32 10.04 1.50
C PHE B 172 -0.04 9.22 0.25
N PRO B 173 -0.76 8.12 0.07
CA PRO B 173 -0.51 7.25 -1.08
C PRO B 173 -0.63 7.99 -2.40
N ALA B 174 0.23 7.63 -3.34
CA ALA B 174 0.28 8.32 -4.61
C ALA B 174 -0.91 7.93 -5.49
N VAL B 175 -1.28 8.85 -6.38
CA VAL B 175 -2.30 8.62 -7.40
C VAL B 175 -1.75 9.04 -8.75
N LEU B 176 -2.24 8.40 -9.80
CA LEU B 176 -1.86 8.77 -11.14
C LEU B 176 -2.59 10.02 -11.59
N GLN B 177 -1.86 10.93 -12.21
CA GLN B 177 -2.42 12.17 -12.74
C GLN B 177 -1.74 12.39 -14.08
N SER B 178 -2.50 12.23 -15.16
CA SER B 178 -1.98 12.42 -16.53
C SER B 178 -0.73 11.60 -16.81
N ASP B 179 -0.72 10.32 -16.42
CA ASP B 179 0.34 9.35 -16.72
C ASP B 179 1.43 9.33 -15.66
N LEU B 180 1.38 10.20 -14.65
CA LEU B 180 2.49 10.31 -13.71
C LEU B 180 1.95 10.36 -12.29
N TYR B 181 2.75 9.85 -11.34
CA TYR B 181 2.30 9.82 -9.95
C TYR B 181 2.46 11.18 -9.27
N THR B 182 1.53 11.44 -8.35
CA THR B 182 1.62 12.59 -7.46
C THR B 182 1.27 12.12 -6.06
N LEU B 183 2.03 12.59 -5.08
CA LEU B 183 1.71 12.35 -3.67
C LEU B 183 2.09 13.59 -2.88
N SER B 184 1.74 13.59 -1.60
CA SER B 184 2.20 14.62 -0.71
C SER B 184 2.50 14.00 0.64
N SER B 185 3.25 14.75 1.43
CA SER B 185 3.57 14.38 2.78
C SER B 185 3.32 15.61 3.65
N SER B 186 2.82 15.38 4.86
CA SER B 186 2.62 16.47 5.79
C SER B 186 3.45 16.24 7.05
N VAL B 187 3.86 17.35 7.67
CA VAL B 187 4.52 17.32 8.96
C VAL B 187 3.92 18.42 9.81
N THR B 188 3.76 18.15 11.11
CA THR B 188 3.20 19.11 12.04
C THR B 188 4.22 19.35 13.14
N VAL B 189 4.59 20.60 13.34
CA VAL B 189 5.58 20.98 14.35
C VAL B 189 5.03 22.14 15.17
N THR B 190 5.64 22.32 16.34
CA THR B 190 5.24 23.42 17.21
C THR B 190 5.42 24.75 16.47
N SER B 191 4.44 25.64 16.64
CA SER B 191 4.57 26.97 16.07
C SER B 191 5.87 27.66 16.50
N SER B 192 6.45 27.22 17.62
CA SER B 192 7.69 27.80 18.12
C SER B 192 8.91 27.39 17.30
N THR B 193 8.86 26.26 16.60
CA THR B 193 10.03 25.79 15.85
C THR B 193 10.04 26.23 14.39
N TRP B 194 8.90 26.61 13.82
CA TRP B 194 8.89 27.10 12.44
C TRP B 194 8.13 28.42 12.33
N PRO B 195 8.68 29.39 11.60
CA PRO B 195 9.94 29.33 10.84
C PRO B 195 11.23 29.65 11.58
N SER B 196 11.24 29.61 12.91
CA SER B 196 12.47 29.90 13.66
C SER B 196 13.57 28.89 13.31
N GLN B 197 13.23 27.61 13.29
CA GLN B 197 14.13 26.55 12.86
C GLN B 197 13.74 26.12 11.45
N SER B 198 14.74 25.67 10.68
CA SER B 198 14.48 25.29 9.30
C SER B 198 13.75 23.95 9.24
N ILE B 199 12.84 23.84 8.27
CA ILE B 199 12.12 22.61 7.97
C ILE B 199 12.41 22.26 6.52
N THR B 200 12.91 21.05 6.30
CA THR B 200 13.25 20.61 4.95
C THR B 200 12.68 19.23 4.73
N CYS B 201 12.10 19.01 3.55
CA CYS B 201 11.71 17.67 3.14
C CYS B 201 12.72 17.15 2.14
N ASN B 202 13.05 15.88 2.27
CA ASN B 202 14.02 15.21 1.40
C ASN B 202 13.28 14.08 0.71
N VAL B 203 13.25 14.10 -0.63
CA VAL B 203 12.39 13.24 -1.43
C VAL B 203 13.29 12.32 -2.26
N ALA B 204 13.23 11.03 -1.97
CA ALA B 204 14.03 10.03 -2.64
C ALA B 204 13.17 9.24 -3.60
N HIS B 205 13.67 9.05 -4.82
CA HIS B 205 12.99 8.26 -5.84
C HIS B 205 13.99 7.23 -6.34
N PRO B 206 14.01 6.04 -5.73
CA PRO B 206 15.04 5.05 -6.10
C PRO B 206 15.10 4.73 -7.58
N ALA B 207 13.94 4.68 -8.26
CA ALA B 207 13.92 4.27 -9.67
C ALA B 207 14.77 5.19 -10.54
N SER B 208 14.80 6.48 -10.22
CA SER B 208 15.62 7.44 -10.97
C SER B 208 16.93 7.76 -10.26
N SER B 209 17.20 7.11 -9.12
CA SER B 209 18.42 7.34 -8.35
C SER B 209 18.60 8.82 -8.02
N THR B 210 17.52 9.46 -7.59
CA THR B 210 17.53 10.88 -7.27
C THR B 210 17.05 11.11 -5.85
N LYS B 211 17.61 12.16 -5.23
CA LYS B 211 17.11 12.70 -3.98
C LYS B 211 17.10 14.22 -4.12
N VAL B 212 15.99 14.85 -3.77
CA VAL B 212 15.84 16.29 -3.89
C VAL B 212 15.30 16.85 -2.59
N ASP B 213 15.95 17.89 -2.07
CA ASP B 213 15.55 18.54 -0.83
C ASP B 213 14.90 19.89 -1.13
N LYS B 214 13.84 20.20 -0.39
CA LYS B 214 13.15 21.47 -0.50
C LYS B 214 13.05 22.09 0.89
N LYS B 215 13.54 23.31 1.03
CA LYS B 215 13.39 24.07 2.27
C LYS B 215 12.04 24.78 2.28
N ILE B 216 11.31 24.66 3.40
CA ILE B 216 10.01 25.28 3.55
C ILE B 216 10.21 26.71 4.03
N GLU B 217 9.69 27.68 3.28
CA GLU B 217 9.82 29.10 3.58
C GLU B 217 8.47 29.73 3.88
N PRO B 218 8.42 30.65 4.84
CA PRO B 218 7.15 31.32 5.16
C PRO B 218 6.91 32.57 4.33
N ARG B 219 5.80 33.25 4.63
CA ARG B 219 5.57 34.63 4.19
C ARG B 219 4.37 35.23 4.92
#